data_3OB2
#
_entry.id   3OB2
#
_cell.length_a   122.771
_cell.length_b   122.771
_cell.length_c   55.425
_cell.angle_alpha   90.000
_cell.angle_beta   90.000
_cell.angle_gamma   120.000
#
_symmetry.space_group_name_H-M   'P 6'
#
loop_
_entity.id
_entity.type
_entity.pdbx_description
1 polymer '12-meric peptide from Epidermal growth factor receptor'
2 polymer 'E3 ubiquitin-protein ligase CBL'
3 water water
#
loop_
_entity_poly.entity_id
_entity_poly.type
_entity_poly.pdbx_seq_one_letter_code
_entity_poly.pdbx_strand_id
1 'polypeptide(L)' DSFLQR(PTR)(SEP)SDPT A
2 'polypeptide(L)'
;GSLIGLMKDAFQPHHHHHHHLSPHPPGTVDKKMVEKCWKLMDKVVRLCQNPKLALKNSPPYILDLLPDTYQHLRTILSRY
EGKMETLGENEYFRVFMENLMKKTKQTISLFKEGKERMYEENSQPRRNLTKLSLIFSHMLAELKGIFPSGLFQGDTFRIT
KADAAEFWRKAFGEKTIVPWKSFRQALHEVHPISSGLEAMALKSTIDLTCNDYISVFEFDIFTRLFQPWSSLLRNWNSLA
VTHPGYMAFLTYDEVKARLQKFIHKPGSYIFRLSCTRLGQWAIGYVTADGNILQTIPHNKPLFQALIDGFREGFYLFPDG
RNQNPDLTG
;
B
#
# COMPACT_ATOMS: atom_id res chain seq x y z
N SER A 2 -6.09 -8.20 -21.42
CA SER A 2 -4.70 -8.43 -21.95
C SER A 2 -3.98 -7.11 -21.96
N PHE A 3 -4.41 -6.24 -22.89
CA PHE A 3 -4.06 -4.81 -22.89
C PHE A 3 -5.37 -4.22 -22.40
N LEU A 4 -5.30 -3.20 -21.55
CA LEU A 4 -6.46 -2.51 -20.96
C LEU A 4 -5.99 -1.18 -20.38
N GLN A 5 -6.89 -0.20 -20.30
CA GLN A 5 -6.53 1.14 -19.80
C GLN A 5 -5.94 1.03 -18.39
N ARG A 6 -4.78 1.66 -18.18
CA ARG A 6 -4.27 1.76 -16.85
C ARG A 6 -3.78 3.17 -16.59
N SER A 9 0.15 9.15 -19.28
CA SER A 9 1.23 10.10 -19.08
C SER A 9 0.81 11.44 -18.38
N ASP A 10 1.70 12.02 -17.56
CA ASP A 10 1.48 13.33 -16.90
C ASP A 10 0.81 14.37 -17.83
N PRO A 11 -0.37 14.91 -17.43
CA PRO A 11 -0.94 16.04 -18.19
C PRO A 11 -0.34 17.43 -17.85
N THR A 12 0.43 17.50 -16.76
CA THR A 12 0.84 18.76 -16.17
C THR A 12 2.22 19.13 -16.65
N MET B 33 4.40 -25.49 8.84
CA MET B 33 3.95 -24.07 9.04
C MET B 33 3.53 -23.44 7.72
N VAL B 34 4.45 -23.53 6.75
CA VAL B 34 4.23 -23.01 5.42
C VAL B 34 3.20 -23.85 4.68
N GLU B 35 3.06 -25.11 5.11
CA GLU B 35 2.10 -26.03 4.51
C GLU B 35 0.70 -25.63 4.95
N LYS B 36 0.56 -25.32 6.22
CA LYS B 36 -0.68 -24.79 6.78
C LYS B 36 -1.16 -23.48 6.09
N CYS B 37 -0.24 -22.54 5.86
CA CYS B 37 -0.55 -21.32 5.11
C CYS B 37 -1.07 -21.60 3.71
N TRP B 38 -0.46 -22.52 2.98
CA TRP B 38 -0.87 -22.81 1.62
C TRP B 38 -2.30 -23.32 1.53
N LYS B 39 -2.71 -24.10 2.53
CA LYS B 39 -4.04 -24.68 2.57
C LYS B 39 -5.05 -23.59 2.88
N LEU B 40 -4.68 -22.68 3.79
CA LEU B 40 -5.49 -21.48 4.03
C LEU B 40 -5.58 -20.58 2.79
N MET B 41 -4.44 -20.29 2.17
CA MET B 41 -4.40 -19.54 0.92
C MET B 41 -5.28 -20.20 -0.12
N ASP B 42 -5.13 -21.52 -0.29
CA ASP B 42 -6.03 -22.30 -1.16
C ASP B 42 -7.52 -22.06 -0.97
N LYS B 43 -7.98 -22.03 0.28
CA LYS B 43 -9.40 -21.78 0.57
C LYS B 43 -9.86 -20.36 0.15
N VAL B 44 -9.04 -19.37 0.46
CA VAL B 44 -9.36 -17.99 0.06
C VAL B 44 -9.55 -17.95 -1.44
N VAL B 45 -8.59 -18.56 -2.14
CA VAL B 45 -8.69 -18.69 -3.58
C VAL B 45 -10.04 -19.30 -3.99
N ARG B 46 -10.42 -20.46 -3.41
CA ARG B 46 -11.69 -21.09 -3.81
C ARG B 46 -12.82 -20.12 -3.47
N LEU B 47 -12.69 -19.45 -2.33
CA LEU B 47 -13.69 -18.48 -1.92
C LEU B 47 -13.80 -17.32 -2.93
N CYS B 48 -12.66 -16.82 -3.40
CA CYS B 48 -12.66 -15.72 -4.32
C CYS B 48 -12.98 -16.12 -5.77
N GLN B 49 -13.14 -17.41 -6.05
CA GLN B 49 -13.55 -17.85 -7.41
C GLN B 49 -15.05 -17.81 -7.66
N ASN B 50 -15.80 -17.54 -6.61
CA ASN B 50 -17.26 -17.44 -6.72
C ASN B 50 -17.71 -16.42 -7.78
N PRO B 51 -18.49 -16.87 -8.79
CA PRO B 51 -18.89 -15.94 -9.87
C PRO B 51 -19.69 -14.71 -9.39
N LYS B 52 -20.35 -14.82 -8.24
CA LYS B 52 -21.20 -13.74 -7.71
C LYS B 52 -20.37 -12.54 -7.27
N LEU B 53 -19.05 -12.73 -7.11
CA LEU B 53 -18.18 -11.61 -6.70
C LEU B 53 -17.88 -10.76 -7.93
N ALA B 54 -17.91 -11.35 -9.12
CA ALA B 54 -17.65 -10.61 -10.38
C ALA B 54 -16.31 -9.84 -10.28
N LEU B 55 -15.34 -10.51 -9.66
CA LEU B 55 -14.05 -9.95 -9.33
C LEU B 55 -13.31 -9.67 -10.63
N LYS B 56 -12.81 -8.44 -10.77
CA LYS B 56 -12.14 -8.04 -11.99
C LYS B 56 -10.67 -8.46 -11.97
N ASN B 57 -10.16 -8.79 -13.15
CA ASN B 57 -8.75 -9.09 -13.34
C ASN B 57 -7.94 -7.79 -13.41
N SER B 58 -7.56 -7.28 -12.25
CA SER B 58 -7.14 -5.92 -12.12
C SER B 58 -6.44 -5.79 -10.75
N PRO B 59 -5.18 -5.33 -10.72
CA PRO B 59 -4.47 -5.29 -9.46
C PRO B 59 -5.14 -4.29 -8.48
N PRO B 60 -5.26 -4.70 -7.20
CA PRO B 60 -4.73 -5.98 -6.69
C PRO B 60 -5.72 -7.10 -6.93
N TYR B 61 -5.21 -8.20 -7.47
CA TYR B 61 -6.08 -9.31 -7.87
C TYR B 61 -5.76 -10.52 -7.05
N ILE B 62 -6.61 -10.80 -6.07
CA ILE B 62 -6.37 -11.84 -5.09
C ILE B 62 -6.08 -13.25 -5.72
N LEU B 63 -6.74 -13.56 -6.83
CA LEU B 63 -6.51 -14.83 -7.54
C LEU B 63 -5.12 -14.93 -8.12
N ASP B 64 -4.44 -13.80 -8.33
CA ASP B 64 -3.03 -13.90 -8.75
C ASP B 64 -2.11 -13.84 -7.55
N LEU B 65 -2.44 -12.96 -6.61
CA LEU B 65 -1.50 -12.61 -5.52
C LEU B 65 -1.21 -13.81 -4.64
N LEU B 66 -2.21 -14.65 -4.40
CA LEU B 66 -1.96 -15.79 -3.48
C LEU B 66 -1.05 -16.85 -4.12
N PRO B 67 -1.36 -17.30 -5.35
CA PRO B 67 -0.44 -18.17 -6.12
C PRO B 67 0.94 -17.58 -6.27
N ASP B 68 1.04 -16.29 -6.60
CA ASP B 68 2.36 -15.67 -6.63
C ASP B 68 3.05 -15.64 -5.29
N THR B 69 2.31 -15.55 -4.20
CA THR B 69 2.94 -15.52 -2.90
C THR B 69 3.48 -16.93 -2.63
N TYR B 70 2.63 -17.92 -2.88
CA TYR B 70 3.04 -19.29 -2.78
C TYR B 70 4.32 -19.52 -3.63
N GLN B 71 4.28 -19.12 -4.90
CA GLN B 71 5.41 -19.32 -5.78
C GLN B 71 6.69 -18.67 -5.17
N HIS B 72 6.56 -17.47 -4.59
CA HIS B 72 7.75 -16.86 -4.06
C HIS B 72 8.20 -17.54 -2.76
N LEU B 73 7.24 -18.04 -1.98
CA LEU B 73 7.60 -18.84 -0.83
C LEU B 73 8.25 -20.17 -1.26
N ARG B 74 7.83 -20.70 -2.39
CA ARG B 74 8.44 -21.93 -2.91
C ARG B 74 9.89 -21.65 -3.24
N THR B 75 10.13 -20.48 -3.86
CA THR B 75 11.44 -20.02 -4.27
C THR B 75 12.40 -19.85 -3.07
N ILE B 76 11.98 -19.14 -2.04
CA ILE B 76 12.79 -18.95 -0.84
C ILE B 76 13.15 -20.32 -0.19
N LEU B 77 12.17 -21.18 0.00
CA LEU B 77 12.45 -22.55 0.51
C LEU B 77 13.45 -23.31 -0.38
N SER B 78 13.43 -23.09 -1.69
CA SER B 78 14.37 -23.76 -2.57
C SER B 78 15.79 -23.27 -2.35
N ARG B 79 15.95 -21.97 -2.09
CA ARG B 79 17.27 -21.40 -1.89
C ARG B 79 17.82 -21.76 -0.50
N TYR B 80 16.96 -22.28 0.38
CA TYR B 80 17.40 -22.61 1.76
C TYR B 80 17.39 -24.11 2.07
N GLU B 81 17.25 -24.94 1.03
CA GLU B 81 17.48 -26.38 1.13
C GLU B 81 18.73 -26.72 1.92
N GLY B 82 18.59 -27.67 2.86
CA GLY B 82 19.64 -27.94 3.84
C GLY B 82 19.45 -26.92 4.96
N LYS B 83 20.04 -25.73 4.78
CA LYS B 83 20.04 -24.61 5.76
C LYS B 83 18.68 -24.00 6.18
N MET B 84 17.65 -24.83 6.29
CA MET B 84 16.36 -24.44 6.83
C MET B 84 16.50 -23.91 8.24
N GLU B 85 17.45 -24.49 8.95
CA GLU B 85 18.03 -23.97 10.16
C GLU B 85 18.06 -22.42 10.12
N THR B 86 18.90 -21.84 9.26
CA THR B 86 19.06 -20.38 9.13
C THR B 86 17.71 -19.64 8.87
N LEU B 87 16.95 -20.15 7.90
CA LEU B 87 15.68 -19.55 7.49
C LEU B 87 14.69 -19.45 8.66
N GLY B 88 14.67 -20.49 9.47
CA GLY B 88 13.75 -20.59 10.62
C GLY B 88 14.06 -19.59 11.71
N GLU B 89 15.30 -19.15 11.80
CA GLU B 89 15.67 -18.15 12.79
C GLU B 89 15.33 -16.72 12.34
N ASN B 90 15.22 -16.53 11.03
CA ASN B 90 15.06 -15.20 10.51
C ASN B 90 13.82 -14.48 11.04
N GLU B 91 14.08 -13.32 11.64
CA GLU B 91 13.09 -12.58 12.40
C GLU B 91 12.01 -12.05 11.47
N TYR B 92 12.40 -11.27 10.46
CA TYR B 92 11.45 -10.82 9.44
C TYR B 92 10.57 -11.95 8.91
N PHE B 93 11.18 -13.07 8.54
CA PHE B 93 10.43 -14.13 7.90
C PHE B 93 9.40 -14.71 8.84
N ARG B 94 9.73 -14.71 10.13
CA ARG B 94 8.81 -15.23 11.14
C ARG B 94 7.61 -14.29 11.28
N VAL B 95 7.87 -13.00 11.42
CA VAL B 95 6.79 -12.02 11.39
C VAL B 95 5.95 -12.18 10.11
N PHE B 96 6.62 -12.30 8.97
CA PHE B 96 5.91 -12.40 7.71
C PHE B 96 4.94 -13.57 7.67
N MET B 97 5.43 -14.76 7.99
CA MET B 97 4.57 -15.97 7.98
C MET B 97 3.42 -15.88 8.95
N GLU B 98 3.70 -15.35 10.14
CA GLU B 98 2.65 -15.12 11.11
C GLU B 98 1.53 -14.20 10.57
N ASN B 99 1.92 -13.08 9.95
CA ASN B 99 0.94 -12.13 9.38
C ASN B 99 0.21 -12.77 8.22
N LEU B 100 0.96 -13.46 7.38
CA LEU B 100 0.34 -14.19 6.30
C LEU B 100 -0.73 -15.14 6.82
N MET B 101 -0.43 -15.92 7.86
CA MET B 101 -1.47 -16.82 8.43
C MET B 101 -2.64 -16.00 8.98
N LYS B 102 -2.32 -14.95 9.73
CA LYS B 102 -3.38 -14.10 10.27
C LYS B 102 -4.27 -13.49 9.20
N LYS B 103 -3.66 -13.02 8.12
CA LYS B 103 -4.42 -12.33 7.10
C LYS B 103 -5.34 -13.29 6.38
N THR B 104 -4.82 -14.46 6.01
CA THR B 104 -5.65 -15.44 5.31
C THR B 104 -6.83 -15.90 6.20
N LYS B 105 -6.57 -16.15 7.48
CA LYS B 105 -7.67 -16.49 8.41
C LYS B 105 -8.72 -15.39 8.51
N GLN B 106 -8.26 -14.15 8.67
CA GLN B 106 -9.16 -13.00 8.69
C GLN B 106 -10.01 -12.95 7.43
N THR B 107 -9.42 -13.20 6.27
CA THR B 107 -10.20 -13.24 5.03
C THR B 107 -11.25 -14.34 5.02
N ILE B 108 -10.86 -15.54 5.42
CA ILE B 108 -11.78 -16.69 5.43
C ILE B 108 -12.94 -16.35 6.35
N SER B 109 -12.56 -15.89 7.54
CA SER B 109 -13.50 -15.46 8.55
C SER B 109 -14.46 -14.37 8.02
N LEU B 110 -13.94 -13.41 7.25
CA LEU B 110 -14.75 -12.35 6.75
C LEU B 110 -15.82 -12.87 5.78
N PHE B 111 -15.51 -13.88 4.97
CA PHE B 111 -16.52 -14.49 4.08
C PHE B 111 -17.59 -15.28 4.84
N LYS B 112 -17.15 -15.97 5.88
CA LYS B 112 -18.02 -16.73 6.77
C LYS B 112 -19.10 -15.81 7.34
N GLU B 113 -18.67 -14.74 7.97
CA GLU B 113 -19.59 -13.83 8.65
C GLU B 113 -20.37 -12.98 7.67
N GLY B 114 -19.78 -12.61 6.55
CA GLY B 114 -20.49 -11.75 5.60
C GLY B 114 -21.54 -12.43 4.73
N LYS B 115 -21.38 -13.74 4.55
CA LYS B 115 -22.26 -14.53 3.71
C LYS B 115 -22.64 -13.82 2.38
N GLU B 116 -23.92 -13.52 2.14
CA GLU B 116 -24.32 -12.98 0.83
C GLU B 116 -24.07 -11.47 0.67
N ARG B 117 -23.78 -10.79 1.77
CA ARG B 117 -23.37 -9.36 1.72
C ARG B 117 -21.97 -9.17 1.12
N MET B 118 -21.24 -10.27 0.90
CA MET B 118 -19.95 -10.27 0.18
C MET B 118 -20.14 -9.89 -1.27
N TYR B 119 -21.29 -10.25 -1.83
CA TYR B 119 -21.60 -10.01 -3.25
C TYR B 119 -22.21 -8.63 -3.56
N GLU B 120 -22.60 -7.91 -2.52
CA GLU B 120 -23.22 -6.58 -2.68
C GLU B 120 -22.11 -5.55 -2.79
N GLU B 121 -21.83 -5.10 -4.01
CA GLU B 121 -20.88 -3.99 -4.16
C GLU B 121 -21.38 -2.83 -3.27
N ASN B 122 -20.42 -2.14 -2.67
CA ASN B 122 -20.68 -1.08 -1.69
C ASN B 122 -20.95 -1.53 -0.25
N SER B 123 -21.04 -2.84 -0.01
CA SER B 123 -21.18 -3.31 1.36
C SER B 123 -19.85 -3.20 2.11
N GLN B 124 -19.93 -3.09 3.42
CA GLN B 124 -18.75 -3.06 4.27
C GLN B 124 -17.87 -4.34 4.17
N PRO B 125 -18.46 -5.54 4.33
CA PRO B 125 -17.69 -6.77 4.12
C PRO B 125 -16.98 -6.84 2.75
N ARG B 126 -17.60 -6.26 1.74
CA ARG B 126 -16.97 -6.28 0.45
C ARG B 126 -15.76 -5.34 0.42
N ARG B 127 -15.94 -4.18 1.00
CA ARG B 127 -14.86 -3.23 1.13
C ARG B 127 -13.69 -3.87 1.91
N ASN B 128 -14.00 -4.66 2.93
CA ASN B 128 -12.96 -5.28 3.70
C ASN B 128 -12.16 -6.23 2.84
N LEU B 129 -12.82 -6.97 1.97
CA LEU B 129 -12.13 -7.85 1.03
C LEU B 129 -11.18 -7.08 0.07
N THR B 130 -11.66 -5.97 -0.48
CA THR B 130 -10.78 -5.11 -1.28
C THR B 130 -9.52 -4.69 -0.54
N LYS B 131 -9.71 -4.21 0.69
CA LYS B 131 -8.58 -3.72 1.47
C LYS B 131 -7.62 -4.89 1.78
N LEU B 132 -8.16 -6.04 2.16
CA LEU B 132 -7.31 -7.23 2.26
C LEU B 132 -6.50 -7.54 0.99
N SER B 133 -7.14 -7.42 -0.16
CA SER B 133 -6.45 -7.67 -1.39
C SER B 133 -5.26 -6.75 -1.51
N LEU B 134 -5.45 -5.47 -1.20
CA LEU B 134 -4.37 -4.53 -1.22
C LEU B 134 -3.27 -4.92 -0.22
N ILE B 135 -3.67 -5.31 0.99
CA ILE B 135 -2.71 -5.78 1.98
C ILE B 135 -1.93 -7.00 1.42
N PHE B 136 -2.60 -7.98 0.84
CA PHE B 136 -1.86 -9.07 0.18
C PHE B 136 -0.85 -8.57 -0.86
N SER B 137 -1.24 -7.56 -1.63
CA SER B 137 -0.34 -7.05 -2.66
C SER B 137 0.87 -6.41 -2.00
N HIS B 138 0.65 -5.66 -0.92
CA HIS B 138 1.76 -4.99 -0.19
C HIS B 138 2.74 -5.99 0.49
N MET B 139 2.16 -7.01 1.07
CA MET B 139 2.89 -8.13 1.65
C MET B 139 3.79 -8.81 0.65
N LEU B 140 3.29 -9.08 -0.56
CA LEU B 140 4.11 -9.74 -1.56
C LEU B 140 5.24 -8.84 -2.06
N ALA B 141 4.92 -7.56 -2.26
CA ALA B 141 5.92 -6.58 -2.69
C ALA B 141 7.03 -6.62 -1.65
N GLU B 142 6.65 -6.50 -0.39
CA GLU B 142 7.65 -6.45 0.69
C GLU B 142 8.54 -7.73 0.76
N LEU B 143 7.89 -8.89 0.71
CA LEU B 143 8.61 -10.16 0.65
C LEU B 143 9.58 -10.22 -0.52
N LYS B 144 9.15 -9.78 -1.68
CA LYS B 144 10.10 -9.66 -2.78
C LYS B 144 11.20 -8.63 -2.56
N GLY B 145 10.90 -7.58 -1.81
CA GLY B 145 11.93 -6.57 -1.60
C GLY B 145 12.99 -7.06 -0.64
N ILE B 146 12.56 -7.94 0.27
CA ILE B 146 13.41 -8.40 1.37
C ILE B 146 14.10 -9.69 0.97
N PHE B 147 13.39 -10.53 0.18
CA PHE B 147 13.94 -11.72 -0.41
C PHE B 147 14.01 -11.67 -1.95
N PRO B 148 14.79 -10.74 -2.53
CA PRO B 148 14.82 -10.76 -3.99
C PRO B 148 15.58 -12.00 -4.47
N SER B 149 15.00 -12.72 -5.43
CA SER B 149 15.63 -13.99 -5.84
C SER B 149 15.54 -15.10 -4.77
N GLY B 150 14.81 -14.84 -3.69
CA GLY B 150 14.54 -15.86 -2.68
C GLY B 150 15.59 -15.97 -1.58
N LEU B 151 16.58 -15.08 -1.61
CA LEU B 151 17.63 -15.04 -0.60
C LEU B 151 17.54 -13.78 0.28
N PHE B 152 17.61 -13.97 1.60
CA PHE B 152 17.37 -12.87 2.54
C PHE B 152 18.35 -11.75 2.33
N GLN B 153 17.85 -10.54 2.06
CA GLN B 153 18.75 -9.41 1.89
C GLN B 153 18.34 -8.18 2.68
N GLY B 154 17.49 -8.41 3.68
CA GLY B 154 16.95 -7.33 4.48
C GLY B 154 18.01 -6.51 5.18
N ASP B 155 19.11 -7.15 5.55
CA ASP B 155 20.16 -6.43 6.26
C ASP B 155 21.02 -5.55 5.37
N THR B 156 21.02 -5.79 4.06
CA THR B 156 21.68 -4.88 3.14
C THR B 156 20.70 -4.12 2.23
N PHE B 157 19.42 -4.13 2.60
CA PHE B 157 18.39 -3.29 1.95
C PHE B 157 18.86 -1.85 1.75
N ARG B 158 18.76 -1.36 0.51
CA ARG B 158 19.21 -0.02 0.15
C ARG B 158 18.03 0.94 0.15
N ILE B 159 17.94 1.73 1.24
CA ILE B 159 16.91 2.76 1.35
C ILE B 159 17.19 3.86 0.29
N THR B 160 16.12 4.25 -0.41
CA THR B 160 16.20 5.09 -1.55
C THR B 160 16.62 6.53 -1.24
N LYS B 161 16.00 7.14 -0.24
CA LYS B 161 16.28 8.54 0.08
C LYS B 161 17.46 8.60 1.03
N ALA B 162 18.52 9.33 0.64
CA ALA B 162 19.74 9.32 1.45
C ALA B 162 19.46 9.75 2.90
N ASP B 163 18.66 10.80 3.11
CA ASP B 163 18.40 11.23 4.51
C ASP B 163 17.61 10.19 5.28
N ALA B 164 16.68 9.51 4.61
CA ALA B 164 15.94 8.45 5.28
C ALA B 164 16.87 7.34 5.69
N ALA B 165 17.78 6.94 4.80
CA ALA B 165 18.72 5.85 5.08
C ALA B 165 19.54 6.14 6.33
N GLU B 166 20.12 7.34 6.41
CA GLU B 166 20.89 7.76 7.58
C GLU B 166 20.08 7.61 8.87
N PHE B 167 18.79 7.96 8.85
CA PHE B 167 17.96 7.87 10.06
C PHE B 167 17.81 6.41 10.47
N TRP B 168 17.54 5.55 9.49
CA TRP B 168 17.30 4.16 9.82
C TRP B 168 18.60 3.44 10.29
N ARG B 169 19.72 3.67 9.59
CA ARG B 169 21.03 3.13 10.03
C ARG B 169 21.36 3.58 11.47
N LYS B 170 21.22 4.87 11.75
CA LYS B 170 21.54 5.40 13.06
C LYS B 170 20.64 4.87 14.17
N ALA B 171 19.34 4.69 13.90
CA ALA B 171 18.47 4.21 14.96
C ALA B 171 18.30 2.70 15.00
N PHE B 172 18.41 2.04 13.87
CA PHE B 172 18.14 0.59 13.89
C PHE B 172 19.22 -0.29 13.30
N GLY B 173 20.36 0.31 12.93
CA GLY B 173 21.44 -0.43 12.30
C GLY B 173 21.00 -1.16 11.02
N GLU B 174 21.20 -2.47 11.01
CA GLU B 174 20.90 -3.35 9.86
C GLU B 174 19.62 -4.13 10.05
N LYS B 175 18.93 -3.82 11.13
CA LYS B 175 17.60 -4.36 11.36
C LYS B 175 16.65 -4.27 10.16
N THR B 176 15.89 -5.34 9.99
CA THR B 176 14.96 -5.44 8.87
C THR B 176 13.55 -4.99 9.27
N ILE B 177 13.23 -5.26 10.52
CA ILE B 177 11.90 -5.09 11.08
C ILE B 177 12.03 -4.60 12.52
N VAL B 178 11.23 -3.60 12.87
CA VAL B 178 11.12 -3.14 14.26
C VAL B 178 9.64 -3.04 14.69
N PRO B 179 9.35 -3.18 16.01
CA PRO B 179 7.97 -2.95 16.46
C PRO B 179 7.58 -1.49 16.24
N TRP B 180 6.28 -1.24 16.12
CA TRP B 180 5.72 0.10 15.97
C TRP B 180 6.15 1.12 17.06
N LYS B 181 5.98 0.73 18.33
CA LYS B 181 6.30 1.66 19.48
C LYS B 181 7.72 2.09 19.34
N SER B 182 8.56 1.13 19.02
CA SER B 182 9.97 1.33 18.85
C SER B 182 10.24 2.32 17.69
N PHE B 183 9.56 2.10 16.57
CA PHE B 183 9.67 2.98 15.45
C PHE B 183 9.17 4.41 15.78
N ARG B 184 7.99 4.45 16.39
CA ARG B 184 7.34 5.70 16.77
C ARG B 184 8.27 6.56 17.62
N GLN B 185 8.90 5.92 18.61
CA GLN B 185 9.76 6.67 19.55
C GLN B 185 11.01 7.19 18.87
N ALA B 186 11.68 6.34 18.09
CA ALA B 186 12.85 6.81 17.34
C ALA B 186 12.50 7.94 16.40
N LEU B 187 11.37 7.82 15.68
CA LEU B 187 11.02 8.86 14.72
C LEU B 187 10.70 10.18 15.44
N HIS B 188 9.94 10.04 16.53
CA HIS B 188 9.55 11.17 17.32
C HIS B 188 10.76 11.99 17.76
N GLU B 189 11.91 11.37 17.99
CA GLU B 189 13.03 12.15 18.42
C GLU B 189 13.56 13.02 17.33
N VAL B 190 13.26 12.70 16.05
CA VAL B 190 13.75 13.53 14.95
C VAL B 190 12.62 14.41 14.39
N HIS B 191 11.42 13.82 14.27
CA HIS B 191 10.31 14.58 13.77
C HIS B 191 9.18 14.41 14.75
N PRO B 192 8.96 15.43 15.61
CA PRO B 192 7.99 15.24 16.70
C PRO B 192 6.60 14.99 16.18
N ILE B 193 5.94 13.98 16.73
CA ILE B 193 4.56 13.68 16.39
C ILE B 193 3.67 14.44 17.37
N SER B 194 2.73 15.25 16.88
CA SER B 194 1.92 16.10 17.75
C SER B 194 1.08 15.44 18.79
N SER B 195 0.59 14.20 18.56
CA SER B 195 -0.52 13.71 19.35
C SER B 195 -0.68 12.22 19.12
N GLY B 196 -1.44 11.56 20.00
CA GLY B 196 -1.70 10.13 19.89
C GLY B 196 -2.49 9.83 18.62
N LEU B 197 -3.49 10.67 18.32
CA LEU B 197 -4.39 10.48 17.18
C LEU B 197 -3.59 10.58 15.89
N GLU B 198 -2.70 11.58 15.83
CA GLU B 198 -1.77 11.68 14.72
C GLU B 198 -0.84 10.46 14.60
N ALA B 199 -0.32 9.98 15.73
CA ALA B 199 0.52 8.79 15.70
C ALA B 199 -0.24 7.61 15.08
N MET B 200 -1.51 7.42 15.46
CA MET B 200 -2.32 6.36 14.93
C MET B 200 -2.64 6.59 13.42
N ALA B 201 -2.90 7.83 12.99
CA ALA B 201 -3.01 8.14 11.54
C ALA B 201 -1.70 7.75 10.81
N LEU B 202 -0.55 8.01 11.44
CA LEU B 202 0.75 7.78 10.81
C LEU B 202 1.00 6.28 10.72
N LYS B 203 0.64 5.58 11.78
CA LYS B 203 0.80 4.14 11.83
C LYS B 203 -0.03 3.52 10.72
N SER B 204 -1.27 3.94 10.54
CA SER B 204 -2.04 3.29 9.50
C SER B 204 -1.61 3.67 8.07
N THR B 205 -0.95 4.83 7.88
CA THR B 205 -0.33 5.15 6.59
C THR B 205 0.92 4.29 6.33
N ILE B 206 1.78 4.08 7.33
CA ILE B 206 3.08 3.49 7.07
C ILE B 206 3.03 1.96 7.14
N ASP B 207 2.11 1.43 7.94
CA ASP B 207 2.05 -0.01 8.24
C ASP B 207 1.27 -0.73 7.15
N LEU B 208 1.86 -0.83 5.95
CA LEU B 208 1.16 -1.39 4.77
C LEU B 208 0.72 -2.83 4.97
N THR B 209 1.48 -3.62 5.72
CA THR B 209 1.15 -5.05 5.88
C THR B 209 0.25 -5.25 7.10
N CYS B 210 -0.09 -4.12 7.76
CA CYS B 210 -0.98 -4.09 8.92
C CYS B 210 -0.63 -5.20 9.93
N ASN B 211 0.60 -5.16 10.41
CA ASN B 211 1.07 -6.14 11.35
C ASN B 211 1.75 -5.52 12.59
N ASP B 212 1.56 -4.21 12.81
CA ASP B 212 2.24 -3.45 13.90
C ASP B 212 3.76 -3.52 13.96
N TYR B 213 4.36 -3.95 12.87
CA TYR B 213 5.79 -3.80 12.71
C TYR B 213 6.03 -2.89 11.53
N ILE B 214 7.13 -2.17 11.57
CA ILE B 214 7.58 -1.45 10.44
C ILE B 214 8.81 -2.14 9.85
N SER B 215 8.71 -2.54 8.58
CA SER B 215 9.89 -2.99 7.85
C SER B 215 10.72 -1.89 7.21
N VAL B 216 11.97 -2.18 6.94
CA VAL B 216 12.82 -1.25 6.28
C VAL B 216 12.24 -0.90 4.90
N PHE B 217 11.55 -1.89 4.34
CA PHE B 217 10.79 -1.77 3.10
C PHE B 217 9.56 -0.85 3.23
N GLU B 218 8.74 -1.08 4.24
CA GLU B 218 7.63 -0.15 4.53
C GLU B 218 8.18 1.27 4.78
N PHE B 219 9.28 1.35 5.52
CA PHE B 219 9.94 2.62 5.77
C PHE B 219 10.39 3.32 4.49
N ASP B 220 11.03 2.57 3.58
CA ASP B 220 11.47 3.09 2.30
C ASP B 220 10.29 3.66 1.49
N ILE B 221 9.18 2.93 1.43
CA ILE B 221 7.99 3.37 0.72
C ILE B 221 7.40 4.66 1.24
N PHE B 222 7.22 4.71 2.57
CA PHE B 222 6.74 5.94 3.20
C PHE B 222 7.62 7.15 2.94
N THR B 223 8.93 7.01 3.14
CA THR B 223 9.83 8.14 2.94
C THR B 223 10.00 8.47 1.47
N ARG B 224 9.78 7.51 0.59
CA ARG B 224 9.69 7.91 -0.84
C ARG B 224 8.41 8.72 -1.10
N LEU B 225 7.29 8.20 -0.64
CA LEU B 225 6.03 8.90 -0.91
C LEU B 225 6.01 10.33 -0.31
N PHE B 226 6.62 10.49 0.87
CA PHE B 226 6.43 11.74 1.63
C PHE B 226 7.72 12.58 1.78
N GLN B 227 8.68 12.31 0.92
CA GLN B 227 9.90 13.11 0.83
C GLN B 227 9.51 14.57 0.56
N PRO B 228 10.38 15.54 0.93
CA PRO B 228 11.77 15.38 1.49
C PRO B 228 11.77 15.03 2.97
N TRP B 229 12.79 14.28 3.38
CA TRP B 229 12.89 13.86 4.77
C TRP B 229 12.86 15.08 5.71
N SER B 230 13.45 16.20 5.29
CA SER B 230 13.65 17.30 6.21
C SER B 230 12.31 17.81 6.75
N SER B 231 11.23 17.67 5.99
CA SER B 231 9.92 18.10 6.47
C SER B 231 8.92 16.95 6.42
N LEU B 232 9.42 15.72 6.61
CA LEU B 232 8.63 14.53 6.40
C LEU B 232 7.21 14.62 6.87
N LEU B 233 7.01 14.84 8.18
CA LEU B 233 5.69 14.79 8.74
C LEU B 233 4.81 15.95 8.37
N ARG B 234 5.35 17.13 8.20
CA ARG B 234 4.59 18.20 7.59
C ARG B 234 4.09 17.83 6.19
N ASN B 235 4.94 17.16 5.41
CA ASN B 235 4.56 16.80 4.05
C ASN B 235 3.34 15.85 4.14
N TRP B 236 3.49 14.83 4.98
CA TRP B 236 2.43 13.80 5.15
C TRP B 236 1.16 14.42 5.74
N ASN B 237 1.33 15.38 6.63
CA ASN B 237 0.18 16.09 7.08
C ASN B 237 -0.63 16.85 6.02
N SER B 238 0.11 17.62 5.24
CA SER B 238 -0.49 18.39 4.14
C SER B 238 -1.08 17.51 3.05
N LEU B 239 -0.49 16.34 2.75
CA LEU B 239 -0.91 15.54 1.60
C LEU B 239 -1.87 14.44 1.96
N ALA B 240 -1.96 14.11 3.22
CA ALA B 240 -2.74 12.97 3.59
C ALA B 240 -3.66 13.23 4.74
N VAL B 241 -3.16 13.89 5.76
CA VAL B 241 -3.98 14.10 6.94
C VAL B 241 -5.07 15.13 6.72
N THR B 242 -4.72 16.29 6.16
CA THR B 242 -5.70 17.35 5.99
C THR B 242 -6.20 17.48 4.55
N HIS B 243 -5.72 16.62 3.64
CA HIS B 243 -6.11 16.64 2.22
C HIS B 243 -7.31 15.78 1.86
N PRO B 244 -8.41 16.42 1.40
CA PRO B 244 -9.60 15.66 1.05
C PRO B 244 -9.39 14.74 -0.16
N GLY B 245 -8.33 15.01 -0.95
CA GLY B 245 -8.07 14.25 -2.17
C GLY B 245 -7.48 12.87 -1.90
N TYR B 246 -6.84 12.70 -0.74
CA TYR B 246 -6.04 11.54 -0.48
C TYR B 246 -6.95 10.37 -0.16
N MET B 247 -6.63 9.22 -0.72
CA MET B 247 -7.50 8.08 -0.51
C MET B 247 -6.69 6.90 0.05
N ALA B 248 -6.70 6.69 1.35
CA ALA B 248 -5.94 5.56 1.94
C ALA B 248 -6.46 4.23 1.45
N PHE B 249 -5.57 3.31 1.12
CA PHE B 249 -5.95 1.92 0.82
C PHE B 249 -7.08 1.88 -0.23
N LEU B 250 -6.99 2.65 -1.31
CA LEU B 250 -7.96 2.53 -2.42
C LEU B 250 -7.24 1.93 -3.60
N THR B 251 -7.97 1.20 -4.45
CA THR B 251 -7.40 0.54 -5.62
C THR B 251 -7.72 1.35 -6.86
N TYR B 252 -7.08 0.99 -7.97
CA TYR B 252 -7.39 1.59 -9.28
C TYR B 252 -8.90 1.61 -9.58
N ASP B 253 -9.57 0.45 -9.48
CA ASP B 253 -10.98 0.40 -9.83
C ASP B 253 -11.84 1.19 -8.85
N GLU B 254 -11.47 1.20 -7.58
CA GLU B 254 -12.19 2.02 -6.65
C GLU B 254 -12.08 3.52 -6.97
N VAL B 255 -10.91 3.96 -7.43
CA VAL B 255 -10.73 5.38 -7.82
C VAL B 255 -11.67 5.63 -9.02
N LYS B 256 -11.77 4.67 -9.93
CA LYS B 256 -12.54 4.87 -11.14
C LYS B 256 -14.00 5.02 -10.76
N ALA B 257 -14.48 4.09 -9.95
CA ALA B 257 -15.87 4.07 -9.45
C ALA B 257 -16.19 5.34 -8.67
N ARG B 258 -15.25 5.78 -7.81
CA ARG B 258 -15.47 6.94 -6.95
C ARG B 258 -15.60 8.22 -7.77
N LEU B 259 -14.89 8.35 -8.89
CA LEU B 259 -14.92 9.62 -9.67
C LEU B 259 -16.08 9.68 -10.67
N GLN B 260 -16.74 8.54 -10.91
CA GLN B 260 -17.92 8.51 -11.78
C GLN B 260 -18.99 9.51 -11.38
N LYS B 261 -19.28 9.62 -10.08
CA LYS B 261 -20.30 10.58 -9.66
C LYS B 261 -19.90 11.98 -10.02
N PHE B 262 -18.62 12.22 -10.30
CA PHE B 262 -18.22 13.58 -10.67
C PHE B 262 -17.92 13.70 -12.18
N ILE B 263 -18.43 12.76 -12.94
CA ILE B 263 -18.13 12.73 -14.37
C ILE B 263 -18.49 14.02 -15.14
N HIS B 264 -19.47 14.79 -14.65
CA HIS B 264 -19.85 16.08 -15.24
C HIS B 264 -19.12 17.22 -14.58
N LYS B 265 -18.15 16.89 -13.73
CA LYS B 265 -17.43 17.92 -13.03
C LYS B 265 -15.94 17.77 -13.31
N PRO B 266 -15.54 18.18 -14.54
CA PRO B 266 -14.14 18.14 -14.92
C PRO B 266 -13.24 18.87 -13.92
N GLY B 267 -12.08 18.29 -13.63
CA GLY B 267 -11.23 18.83 -12.59
C GLY B 267 -11.38 18.14 -11.25
N SER B 268 -12.42 17.35 -11.11
CA SER B 268 -12.53 16.51 -9.91
C SER B 268 -11.37 15.51 -9.91
N TYR B 269 -10.68 15.36 -8.77
CA TYR B 269 -9.52 14.44 -8.69
C TYR B 269 -9.35 13.84 -7.32
N ILE B 270 -8.73 12.66 -7.27
CA ILE B 270 -8.29 12.10 -5.99
C ILE B 270 -6.94 11.42 -6.22
N PHE B 271 -6.20 11.08 -5.17
CA PHE B 271 -4.92 10.40 -5.37
C PHE B 271 -4.67 9.39 -4.24
N ARG B 272 -3.71 8.46 -4.44
CA ARG B 272 -3.53 7.31 -3.57
C ARG B 272 -2.19 6.70 -3.88
N LEU B 273 -1.77 5.73 -3.05
CA LEU B 273 -0.59 4.92 -3.35
C LEU B 273 -0.92 4.06 -4.53
N SER B 274 -0.01 4.06 -5.49
CA SER B 274 -0.04 3.07 -6.53
C SER B 274 0.19 1.72 -5.85
N CYS B 275 -0.58 0.75 -6.29
CA CYS B 275 -0.43 -0.60 -5.80
C CYS B 275 0.66 -1.38 -6.59
N THR B 276 0.67 -1.26 -7.93
CA THR B 276 1.72 -1.95 -8.73
C THR B 276 3.07 -1.28 -8.74
N ARG B 277 3.13 0.00 -8.37
CA ARG B 277 4.40 0.74 -8.36
C ARG B 277 4.55 1.33 -6.97
N LEU B 278 4.76 0.47 -5.99
CA LEU B 278 4.70 0.88 -4.59
C LEU B 278 5.78 1.89 -4.30
N GLY B 279 5.41 3.04 -3.73
CA GLY B 279 6.37 4.14 -3.54
C GLY B 279 6.12 5.31 -4.47
N GLN B 280 5.24 5.12 -5.42
CA GLN B 280 4.81 6.23 -6.31
C GLN B 280 3.31 6.50 -6.11
N TRP B 281 2.91 7.72 -6.50
CA TRP B 281 1.55 8.19 -6.40
C TRP B 281 0.76 7.98 -7.69
N ALA B 282 -0.57 7.83 -7.57
CA ALA B 282 -1.49 7.61 -8.71
C ALA B 282 -2.62 8.63 -8.50
N ILE B 283 -2.73 9.58 -9.42
CA ILE B 283 -3.71 10.62 -9.33
C ILE B 283 -4.78 10.30 -10.36
N GLY B 284 -6.05 10.25 -9.94
CA GLY B 284 -7.11 9.99 -10.88
C GLY B 284 -7.85 11.31 -11.04
N TYR B 285 -8.29 11.65 -12.25
CA TYR B 285 -9.02 12.88 -12.47
C TYR B 285 -10.01 12.71 -13.64
N VAL B 286 -11.07 13.52 -13.60
CA VAL B 286 -12.08 13.66 -14.63
C VAL B 286 -11.67 14.73 -15.65
N THR B 287 -11.58 14.36 -16.93
CA THR B 287 -11.17 15.31 -17.97
C THR B 287 -12.39 16.08 -18.51
N ALA B 288 -12.15 17.15 -19.26
CA ALA B 288 -13.22 17.98 -19.85
C ALA B 288 -14.07 17.17 -20.82
N ASP B 289 -13.45 16.16 -21.42
CA ASP B 289 -14.01 15.29 -22.47
C ASP B 289 -14.83 14.11 -21.91
N GLY B 290 -14.89 14.01 -20.59
CA GLY B 290 -15.62 12.94 -19.92
C GLY B 290 -14.87 11.64 -19.71
N ASN B 291 -13.53 11.66 -19.75
CA ASN B 291 -12.77 10.48 -19.44
C ASN B 291 -12.28 10.52 -17.99
N ILE B 292 -12.04 9.33 -17.43
CA ILE B 292 -11.39 9.27 -16.13
C ILE B 292 -9.99 8.70 -16.32
N LEU B 293 -8.95 9.52 -16.13
CA LEU B 293 -7.61 9.04 -16.29
C LEU B 293 -6.90 8.93 -14.95
N GLN B 294 -5.84 8.11 -14.91
CA GLN B 294 -5.02 7.98 -13.73
C GLN B 294 -3.59 8.02 -14.19
N THR B 295 -2.82 8.85 -13.53
CA THR B 295 -1.49 9.13 -13.95
C THR B 295 -0.50 9.10 -12.76
N ILE B 296 0.75 8.78 -13.01
CA ILE B 296 1.77 8.68 -11.99
C ILE B 296 2.77 9.78 -12.21
N PRO B 297 2.72 10.82 -11.36
CA PRO B 297 3.64 11.91 -11.59
C PRO B 297 5.10 11.45 -11.41
N HIS B 298 5.92 11.83 -12.40
CA HIS B 298 7.38 11.64 -12.32
C HIS B 298 8.15 12.95 -12.57
N ASN B 299 9.37 13.01 -12.01
CA ASN B 299 10.29 14.12 -12.17
C ASN B 299 9.82 15.39 -11.50
N LYS B 300 8.94 15.21 -10.52
CA LYS B 300 8.40 16.31 -9.72
C LYS B 300 7.71 15.67 -8.54
N PRO B 301 7.83 16.29 -7.36
CA PRO B 301 7.21 15.86 -6.10
C PRO B 301 5.71 15.89 -6.25
N LEU B 302 4.97 15.11 -5.47
CA LEU B 302 3.54 15.21 -5.50
C LEU B 302 3.06 16.69 -5.28
N PHE B 303 3.69 17.44 -4.38
CA PHE B 303 3.27 18.85 -4.16
C PHE B 303 3.20 19.62 -5.47
N GLN B 304 4.29 19.52 -6.21
CA GLN B 304 4.39 20.23 -7.49
C GLN B 304 3.38 19.76 -8.50
N ALA B 305 3.12 18.43 -8.55
CA ALA B 305 2.10 17.96 -9.51
C ALA B 305 0.74 18.54 -9.15
N LEU B 306 0.46 18.67 -7.86
CA LEU B 306 -0.87 19.14 -7.46
C LEU B 306 -1.02 20.63 -7.72
N ILE B 307 0.01 21.41 -7.36
CA ILE B 307 0.05 22.85 -7.62
C ILE B 307 -0.06 23.13 -9.12
N ASP B 308 0.79 22.47 -9.92
CA ASP B 308 0.74 22.62 -11.39
C ASP B 308 -0.62 22.25 -11.94
N GLY B 309 -1.13 21.09 -11.48
CA GLY B 309 -2.38 20.55 -11.99
C GLY B 309 -3.55 21.45 -11.60
N PHE B 310 -3.50 22.06 -10.40
CA PHE B 310 -4.52 23.07 -10.10
C PHE B 310 -4.34 24.20 -11.10
N ARG B 311 -3.14 24.78 -11.15
CA ARG B 311 -2.86 25.90 -12.06
C ARG B 311 -3.40 25.68 -13.48
N GLU B 312 -3.29 24.46 -13.97
CA GLU B 312 -3.69 24.17 -15.33
C GLU B 312 -5.10 23.63 -15.52
N GLY B 313 -5.89 23.56 -14.44
CA GLY B 313 -7.30 23.14 -14.59
C GLY B 313 -7.51 21.65 -14.56
N PHE B 314 -6.48 20.84 -14.33
CA PHE B 314 -6.74 19.40 -14.27
C PHE B 314 -7.18 18.92 -12.89
N TYR B 315 -6.61 19.52 -11.83
CA TYR B 315 -6.79 19.04 -10.44
C TYR B 315 -7.38 20.17 -9.63
N LEU B 316 -8.68 20.35 -9.81
CA LEU B 316 -9.39 21.44 -9.16
C LEU B 316 -10.19 21.10 -7.92
N PHE B 317 -10.83 19.93 -7.92
CA PHE B 317 -11.92 19.59 -6.98
C PHE B 317 -11.62 18.29 -6.32
N PRO B 318 -10.96 18.35 -5.14
CA PRO B 318 -10.44 17.15 -4.49
C PRO B 318 -11.61 16.33 -4.00
N ASP B 319 -11.68 15.06 -4.43
CA ASP B 319 -12.91 14.30 -4.15
C ASP B 319 -14.17 15.09 -4.53
N GLY B 320 -14.07 15.95 -5.56
CA GLY B 320 -15.29 16.63 -6.06
C GLY B 320 -15.67 17.90 -5.27
N ARG B 321 -14.87 18.25 -4.27
CA ARG B 321 -15.17 19.40 -3.42
C ARG B 321 -14.78 20.67 -4.09
N ASN B 322 -15.53 21.73 -3.82
CA ASN B 322 -15.31 23.01 -4.47
C ASN B 322 -14.03 23.66 -4.03
N GLN B 323 -13.61 23.43 -2.80
CA GLN B 323 -12.42 24.13 -2.31
C GLN B 323 -11.23 23.18 -2.37
N ASN B 324 -10.11 23.66 -2.87
CA ASN B 324 -8.90 22.86 -3.03
C ASN B 324 -7.90 23.33 -2.01
N PRO B 325 -7.18 22.42 -1.33
CA PRO B 325 -6.19 22.96 -0.40
C PRO B 325 -5.14 23.86 -1.06
N ASP B 326 -4.64 24.82 -0.30
CA ASP B 326 -3.54 25.65 -0.76
C ASP B 326 -2.22 25.04 -0.28
N LEU B 327 -1.47 24.43 -1.19
CA LEU B 327 -0.23 23.73 -0.84
C LEU B 327 1.04 24.60 -0.99
N THR B 328 0.85 25.85 -1.37
CA THR B 328 1.95 26.80 -1.42
C THR B 328 2.63 26.91 -0.03
#